data_3RT6
#
_entry.id   3RT6
#
_cell.length_a   48.087
_cell.length_b   47.392
_cell.length_c   137.216
_cell.angle_alpha   90.00
_cell.angle_beta   90.00
_cell.angle_gamma   90.00
#
_symmetry.space_group_name_H-M   'P 2 2 21'
#
loop_
_entity.id
_entity.type
_entity.pdbx_description
1 polymer 'Glutamate receptor 3'
2 non-polymer '2-AMINO-3-(5-FLUORO-2,4-DIOXO-3,4-DIHYDRO-2H-PYRIMIDIN-1-YL)-PROPIONIC ACID'
3 non-polymer 'ZINC ION'
4 water water
#
_entity_poly.entity_id   1
_entity_poly.type   'polypeptide(L)'
_entity_poly.pdbx_seq_one_letter_code
;RTIVVTTILESPYVMYKKNHEQLEGNERYEGYCVDLAYEIAKHVRIKYKLSIVGDGKYGARDPETKIWNGMVGELVYGRA
DIAVAPLTITLVREEVIDFSKPFMSLGISIMIKKGTPIESAEDLAKQTEIAYGTLDSGSTKEFFRRSKIAVYEKMWSYMK
SAEPSVFTKTTADGVARVRKSKGKFAFLLESTMNEYIEQRKPCDTMKVGGNLDSKGYGVATPKGSALGTPVNLAVLKLSE
QGILDKLKNKWWYDKGEC
;
_entity_poly.pdbx_strand_id   B
#
loop_
_chem_comp.id
_chem_comp.type
_chem_comp.name
_chem_comp.formula
FWD non-polymer '2-AMINO-3-(5-FLUORO-2,4-DIOXO-3,4-DIHYDRO-2H-PYRIMIDIN-1-YL)-PROPIONIC ACID' 'C7 H8 F N3 O4'
ZN non-polymer 'ZINC ION' 'Zn 2'
#
# COMPACT_ATOMS: atom_id res chain seq x y z
N ARG A 1 -10.00 -19.66 -17.87
CA ARG A 1 -8.93 -20.56 -17.41
CA ARG A 1 -8.96 -20.56 -17.40
C ARG A 1 -7.73 -19.79 -16.89
N THR A 2 -7.27 -18.80 -17.64
CA THR A 2 -6.20 -17.93 -17.16
C THR A 2 -6.76 -16.87 -16.22
N ILE A 3 -6.22 -16.83 -15.00
CA ILE A 3 -6.69 -15.93 -13.96
C ILE A 3 -6.09 -14.54 -14.10
N VAL A 4 -6.94 -13.52 -14.14
CA VAL A 4 -6.46 -12.15 -14.15
C VAL A 4 -6.16 -11.66 -12.74
N VAL A 5 -4.89 -11.37 -12.49
CA VAL A 5 -4.50 -10.84 -11.20
C VAL A 5 -4.28 -9.34 -11.33
N THR A 6 -5.17 -8.55 -10.75
CA THR A 6 -4.97 -7.11 -10.80
C THR A 6 -3.92 -6.67 -9.78
N THR A 7 -3.23 -5.59 -10.09
CA THR A 7 -2.16 -5.17 -9.21
C THR A 7 -1.79 -3.72 -9.48
N ILE A 8 -0.85 -3.20 -8.70
CA ILE A 8 -0.49 -1.79 -8.77
C ILE A 8 1.01 -1.61 -8.70
N LEU A 9 1.49 -0.53 -9.34
CA LEU A 9 2.91 -0.16 -9.31
C LEU A 9 3.26 0.59 -8.04
N GLU A 10 3.89 -0.13 -7.11
CA GLU A 10 4.20 0.40 -5.80
C GLU A 10 5.41 -0.36 -5.33
N SER A 11 6.49 0.34 -5.00
CA SER A 11 7.73 -0.33 -4.59
C SER A 11 7.73 -0.60 -3.09
N PRO A 12 8.31 -1.73 -2.67
CA PRO A 12 8.92 -2.74 -3.53
C PRO A 12 7.98 -3.88 -3.96
N TYR A 13 6.67 -3.65 -3.98
CA TYR A 13 5.72 -4.75 -4.20
C TYR A 13 5.67 -5.19 -5.65
N VAL A 14 5.38 -4.25 -6.55
CA VAL A 14 5.41 -4.51 -7.98
C VAL A 14 6.21 -3.42 -8.67
N MET A 15 7.28 -3.80 -9.34
CA MET A 15 8.17 -2.85 -9.98
C MET A 15 8.60 -3.39 -11.32
N TYR A 16 8.86 -2.50 -12.26
CA TYR A 16 9.36 -2.94 -13.56
C TYR A 16 10.76 -3.51 -13.39
N LYS A 17 11.03 -4.61 -14.07
CA LYS A 17 12.37 -5.18 -14.12
C LYS A 17 13.31 -4.29 -14.93
N LYS A 18 14.58 -4.25 -14.51
CA LYS A 18 15.64 -3.43 -15.12
C LYS A 18 15.47 -3.26 -16.63
N ASN A 19 15.10 -4.36 -17.31
CA ASN A 19 14.87 -4.29 -18.74
C ASN A 19 13.53 -4.87 -19.22
N HIS A 20 12.45 -4.46 -18.57
CA HIS A 20 11.13 -4.58 -19.14
C HIS A 20 11.26 -3.76 -20.41
N GLU A 21 10.15 -3.34 -21.01
CA GLU A 21 10.25 -2.60 -22.27
C GLU A 21 10.89 -3.50 -23.31
N GLN A 22 11.46 -4.61 -22.83
CA GLN A 22 12.19 -5.54 -23.66
C GLN A 22 11.66 -6.94 -23.40
N LEU A 23 10.73 -7.04 -22.45
CA LEU A 23 10.08 -8.32 -22.12
C LEU A 23 8.56 -8.25 -22.30
N GLU A 24 7.89 -9.34 -21.93
CA GLU A 24 6.45 -9.47 -22.12
C GLU A 24 5.76 -10.18 -20.96
N GLY A 25 4.49 -9.84 -20.75
CA GLY A 25 3.71 -10.49 -19.71
C GLY A 25 4.31 -10.34 -18.33
N ASN A 26 4.21 -11.40 -17.54
CA ASN A 26 4.65 -11.33 -16.14
C ASN A 26 6.15 -11.09 -16.00
N GLU A 27 6.86 -11.21 -17.11
CA GLU A 27 8.30 -11.05 -17.08
C GLU A 27 8.68 -9.61 -16.80
N ARG A 28 7.76 -8.69 -17.06
CA ARG A 28 8.05 -7.27 -17.02
C ARG A 28 8.14 -6.76 -15.60
N TYR A 29 7.68 -7.56 -14.64
CA TYR A 29 7.54 -7.09 -13.28
C TYR A 29 8.34 -7.92 -12.31
N GLU A 30 8.62 -7.33 -11.16
CA GLU A 30 9.26 -8.01 -10.06
C GLU A 30 8.85 -7.29 -8.79
N GLY A 31 8.96 -7.99 -7.67
CA GLY A 31 8.69 -7.36 -6.40
C GLY A 31 8.18 -8.38 -5.44
N TYR A 32 7.88 -7.94 -4.24
CA TYR A 32 7.30 -8.77 -3.22
C TYR A 32 6.01 -9.39 -3.75
N CYS A 33 5.09 -8.58 -4.26
CA CYS A 33 3.81 -9.13 -4.73
C CYS A 33 3.94 -10.05 -5.93
N VAL A 34 4.93 -9.81 -6.78
CA VAL A 34 5.18 -10.71 -7.90
C VAL A 34 5.59 -12.09 -7.40
N ASP A 35 6.53 -12.15 -6.47
CA ASP A 35 6.93 -13.42 -5.85
C ASP A 35 5.74 -14.06 -5.11
N LEU A 36 4.94 -13.23 -4.47
CA LEU A 36 3.81 -13.71 -3.69
C LEU A 36 2.73 -14.29 -4.60
N ALA A 37 2.42 -13.59 -5.68
CA ALA A 37 1.44 -14.07 -6.63
C ALA A 37 1.90 -15.42 -7.15
N TYR A 38 3.19 -15.50 -7.40
CA TYR A 38 3.77 -16.71 -7.95
C TYR A 38 3.63 -17.88 -6.97
N GLU A 39 3.93 -17.64 -5.70
CA GLU A 39 3.77 -18.67 -4.69
C GLU A 39 2.31 -19.12 -4.59
N ILE A 40 1.41 -18.16 -4.44
CA ILE A 40 0.00 -18.48 -4.36
C ILE A 40 -0.46 -19.31 -5.56
N ALA A 41 -0.17 -18.85 -6.77
CA ALA A 41 -0.60 -19.61 -7.94
C ALA A 41 -0.06 -21.04 -7.93
N LYS A 42 1.10 -21.24 -7.35
CA LYS A 42 1.71 -22.56 -7.31
C LYS A 42 0.92 -23.51 -6.43
N HIS A 43 0.54 -23.05 -5.24
CA HIS A 43 -0.25 -23.87 -4.31
C HIS A 43 -1.72 -23.99 -4.72
N VAL A 44 -2.25 -22.97 -5.40
CA VAL A 44 -3.63 -22.99 -5.85
C VAL A 44 -3.69 -23.67 -7.21
N ARG A 45 -2.53 -23.82 -7.83
CA ARG A 45 -2.40 -24.47 -9.15
C ARG A 45 -3.25 -23.82 -10.24
N ILE A 46 -2.87 -22.60 -10.60
CA ILE A 46 -3.51 -21.84 -11.68
C ILE A 46 -2.44 -21.15 -12.50
N LYS A 47 -2.74 -20.94 -13.78
CA LYS A 47 -1.96 -20.05 -14.60
C LYS A 47 -2.58 -18.68 -14.42
N TYR A 48 -1.74 -17.65 -14.32
CA TYR A 48 -2.25 -16.29 -14.09
C TYR A 48 -1.53 -15.27 -14.95
N LYS A 49 -2.16 -14.11 -15.11
CA LYS A 49 -1.58 -13.02 -15.86
C LYS A 49 -1.64 -11.77 -14.99
N LEU A 50 -0.50 -11.18 -14.70
CA LEU A 50 -0.46 -9.94 -13.91
C LEU A 50 -0.91 -8.73 -14.73
N SER A 51 -1.82 -7.96 -14.15
CA SER A 51 -2.31 -6.75 -14.79
C SER A 51 -2.22 -5.56 -13.86
N ILE A 52 -1.50 -4.52 -14.28
CA ILE A 52 -1.43 -3.28 -13.51
C ILE A 52 -2.71 -2.51 -13.70
N VAL A 53 -3.40 -2.24 -12.60
CA VAL A 53 -4.67 -1.53 -12.66
C VAL A 53 -4.54 -0.21 -13.41
N GLY A 54 -5.54 0.09 -14.24
CA GLY A 54 -5.50 1.23 -15.15
C GLY A 54 -5.34 2.58 -14.48
N ASP A 55 -6.26 2.91 -13.57
CA ASP A 55 -6.23 4.21 -12.89
C ASP A 55 -5.14 4.34 -11.83
N GLY A 56 -4.45 3.25 -11.52
CA GLY A 56 -3.35 3.31 -10.57
C GLY A 56 -3.78 3.63 -9.16
N LYS A 57 -5.05 3.42 -8.86
CA LYS A 57 -5.61 3.64 -7.52
C LYS A 57 -5.84 2.32 -6.80
N TYR A 58 -6.03 2.39 -5.48
CA TYR A 58 -6.27 1.19 -4.67
C TYR A 58 -7.73 0.75 -4.66
N GLY A 59 -8.62 1.67 -4.36
CA GLY A 59 -10.04 1.36 -4.41
C GLY A 59 -10.88 2.16 -3.45
N ALA A 60 -11.75 3.00 -3.99
CA ALA A 60 -12.70 3.72 -3.17
C ALA A 60 -14.02 3.81 -3.94
N ARG A 61 -15.11 4.02 -3.21
CA ARG A 61 -16.40 4.19 -3.82
C ARG A 61 -16.82 5.66 -3.84
N ASP A 62 -16.89 6.24 -5.03
CA ASP A 62 -17.35 7.60 -5.15
C ASP A 62 -18.75 7.74 -4.56
N PRO A 63 -18.98 8.79 -3.76
CA PRO A 63 -20.24 8.96 -3.02
C PRO A 63 -21.41 9.36 -3.90
N GLU A 64 -21.15 10.14 -4.94
CA GLU A 64 -22.22 10.63 -5.82
C GLU A 64 -22.55 9.58 -6.87
N THR A 65 -21.50 8.99 -7.45
CA THR A 65 -21.67 8.05 -8.54
C THR A 65 -21.72 6.62 -8.04
N LYS A 66 -21.41 6.42 -6.77
CA LYS A 66 -21.53 5.13 -6.09
C LYS A 66 -20.66 4.03 -6.69
N ILE A 67 -19.81 4.38 -7.65
CA ILE A 67 -18.96 3.42 -8.34
C ILE A 67 -17.61 3.17 -7.65
N TRP A 68 -17.14 1.92 -7.72
CA TRP A 68 -15.86 1.56 -7.17
C TRP A 68 -14.75 1.68 -8.20
N ASN A 69 -13.69 2.38 -7.85
CA ASN A 69 -12.52 2.50 -8.71
C ASN A 69 -11.34 1.65 -8.23
N GLY A 70 -10.21 1.77 -8.92
CA GLY A 70 -9.01 1.10 -8.48
C GLY A 70 -9.07 -0.40 -8.59
N MET A 71 -8.25 -1.06 -7.77
CA MET A 71 -8.13 -2.51 -7.76
C MET A 71 -9.44 -3.14 -7.29
N VAL A 72 -10.02 -2.54 -6.25
CA VAL A 72 -11.30 -3.03 -5.72
C VAL A 72 -12.35 -3.08 -6.83
N GLY A 73 -12.43 -1.99 -7.59
CA GLY A 73 -13.39 -1.88 -8.68
C GLY A 73 -13.21 -2.97 -9.71
N GLU A 74 -11.95 -3.34 -9.96
CA GLU A 74 -11.63 -4.37 -10.95
C GLU A 74 -12.24 -5.71 -10.50
N LEU A 75 -12.21 -5.96 -9.20
CA LEU A 75 -12.81 -7.16 -8.63
C LEU A 75 -14.32 -7.07 -8.63
N VAL A 76 -14.85 -5.97 -8.10
CA VAL A 76 -16.28 -5.79 -7.98
C VAL A 76 -17.05 -5.91 -9.32
N TYR A 77 -16.45 -5.51 -10.43
CA TYR A 77 -17.13 -5.61 -11.72
C TYR A 77 -16.51 -6.69 -12.58
N GLY A 78 -15.78 -7.60 -11.95
CA GLY A 78 -15.38 -8.84 -12.60
C GLY A 78 -14.27 -8.77 -13.63
N ARG A 79 -13.63 -7.62 -13.78
CA ARG A 79 -12.57 -7.51 -14.77
C ARG A 79 -11.28 -8.17 -14.28
N ALA A 80 -11.22 -8.43 -12.98
CA ALA A 80 -10.06 -9.08 -12.36
C ALA A 80 -10.50 -10.20 -11.43
N ASP A 81 -9.72 -11.27 -11.35
CA ASP A 81 -10.12 -12.43 -10.55
C ASP A 81 -9.52 -12.38 -9.14
N ILE A 82 -8.48 -11.58 -8.98
CA ILE A 82 -7.81 -11.49 -7.69
C ILE A 82 -6.73 -10.42 -7.71
N ALA A 83 -6.68 -9.64 -6.64
CA ALA A 83 -5.70 -8.58 -6.54
C ALA A 83 -4.62 -9.02 -5.59
N VAL A 84 -3.38 -9.03 -6.03
CA VAL A 84 -2.26 -9.24 -5.11
C VAL A 84 -1.50 -7.93 -4.98
N ALA A 85 -1.63 -7.27 -3.84
CA ALA A 85 -1.04 -5.95 -3.68
C ALA A 85 -1.04 -5.47 -2.22
N PRO A 86 -0.42 -4.30 -1.98
CA PRO A 86 -0.49 -3.73 -0.63
C PRO A 86 -1.88 -3.18 -0.37
N LEU A 87 -2.90 -4.03 -0.47
CA LEU A 87 -4.28 -3.60 -0.35
C LEU A 87 -4.78 -3.77 1.09
N THR A 88 -5.05 -2.66 1.74
CA THR A 88 -5.42 -2.68 3.15
C THR A 88 -6.81 -3.27 3.39
N ILE A 89 -6.88 -4.15 4.37
CA ILE A 89 -8.12 -4.79 4.78
C ILE A 89 -8.95 -3.86 5.66
N THR A 90 -9.87 -3.12 5.04
CA THR A 90 -10.71 -2.16 5.73
C THR A 90 -12.15 -2.63 5.75
N LEU A 91 -12.96 -2.02 6.62
CA LEU A 91 -14.32 -2.50 6.82
C LEU A 91 -15.18 -2.29 5.60
N VAL A 92 -15.04 -1.14 4.95
CA VAL A 92 -15.95 -0.81 3.86
C VAL A 92 -15.70 -1.72 2.68
N ARG A 93 -14.44 -2.05 2.46
CA ARG A 93 -14.09 -2.94 1.36
C ARG A 93 -14.59 -4.36 1.59
N GLU A 94 -14.34 -4.90 2.77
CA GLU A 94 -14.74 -6.27 3.12
C GLU A 94 -16.27 -6.49 2.94
N GLU A 95 -17.05 -5.43 2.94
CA GLU A 95 -18.47 -5.57 2.70
C GLU A 95 -18.78 -5.94 1.26
N VAL A 96 -17.88 -5.60 0.34
CA VAL A 96 -18.09 -5.85 -1.09
C VAL A 96 -17.09 -6.80 -1.77
N ILE A 97 -15.90 -6.97 -1.19
CA ILE A 97 -15.02 -8.03 -1.71
C ILE A 97 -14.60 -9.01 -0.62
N ASP A 98 -13.73 -9.94 -0.99
CA ASP A 98 -13.21 -10.89 -0.02
C ASP A 98 -11.72 -10.70 0.20
N PHE A 99 -11.26 -11.04 1.39
CA PHE A 99 -9.87 -10.83 1.76
C PHE A 99 -9.36 -12.07 2.43
N SER A 100 -8.17 -12.53 2.05
CA SER A 100 -7.52 -13.57 2.84
C SER A 100 -7.14 -12.98 4.21
N LYS A 101 -6.73 -13.84 5.16
CA LYS A 101 -6.11 -13.31 6.36
C LYS A 101 -4.88 -12.51 5.91
N PRO A 102 -4.40 -11.57 6.75
CA PRO A 102 -3.35 -10.67 6.27
C PRO A 102 -2.06 -11.42 5.95
N PHE A 103 -1.32 -10.95 4.95
CA PHE A 103 -0.02 -11.50 4.67
C PHE A 103 1.09 -10.57 5.16
N MET A 104 0.68 -9.42 5.68
CA MET A 104 1.65 -8.46 6.17
C MET A 104 0.97 -7.55 7.17
N SER A 105 1.68 -7.23 8.25
CA SER A 105 1.17 -6.31 9.26
C SER A 105 1.81 -4.96 9.08
N LEU A 106 1.06 -3.91 9.42
CA LEU A 106 1.58 -2.57 9.26
C LEU A 106 0.69 -1.56 9.96
N GLY A 107 1.04 -0.29 9.83
CA GLY A 107 0.27 0.77 10.43
C GLY A 107 0.72 2.08 9.84
N ILE A 108 -0.13 3.10 9.99
CA ILE A 108 0.19 4.42 9.54
C ILE A 108 1.34 4.95 10.36
N SER A 109 2.39 5.39 9.69
CA SER A 109 3.57 5.94 10.36
C SER A 109 3.86 7.35 9.85
N ILE A 110 4.84 8.00 10.45
CA ILE A 110 5.27 9.34 10.02
C ILE A 110 6.66 9.27 9.41
N MET A 111 6.83 9.80 8.21
CA MET A 111 8.13 9.86 7.58
C MET A 111 8.61 11.30 7.49
N ILE A 112 9.71 11.61 8.18
CA ILE A 112 10.33 12.93 8.12
C ILE A 112 11.63 12.89 7.33
N LYS A 113 12.12 14.07 6.98
CA LYS A 113 13.46 14.20 6.45
C LYS A 113 14.40 14.24 7.66
N LYS A 114 15.57 13.60 7.55
CA LYS A 114 16.45 13.49 8.69
C LYS A 114 16.63 14.87 9.31
N GLY A 115 16.42 14.95 10.62
CA GLY A 115 16.74 16.15 11.35
C GLY A 115 15.53 17.02 11.61
N THR A 116 14.40 16.61 11.06
CA THR A 116 13.16 17.29 11.38
C THR A 116 12.85 17.11 12.88
N PRO A 117 12.39 18.19 13.52
CA PRO A 117 12.09 18.18 14.95
C PRO A 117 10.68 17.68 15.20
N ILE A 118 10.39 16.44 14.79
CA ILE A 118 9.09 15.83 15.01
C ILE A 118 9.25 14.38 15.45
N GLU A 119 8.63 14.01 16.57
CA GLU A 119 8.78 12.64 17.07
C GLU A 119 7.45 11.87 17.09
N SER A 120 6.35 12.59 16.96
CA SER A 120 5.05 12.00 17.21
C SER A 120 3.94 12.74 16.49
N ALA A 121 2.74 12.17 16.53
CA ALA A 121 1.58 12.76 15.88
C ALA A 121 1.16 14.06 16.59
N GLU A 122 1.31 14.09 17.91
CA GLU A 122 1.06 15.30 18.66
C GLU A 122 2.09 16.37 18.29
N ASP A 123 3.37 15.99 18.22
CA ASP A 123 4.40 16.94 17.82
C ASP A 123 3.99 17.67 16.53
N LEU A 124 3.35 16.96 15.63
CA LEU A 124 2.93 17.53 14.35
C LEU A 124 1.65 18.36 14.46
N ALA A 125 0.76 17.93 15.34
CA ALA A 125 -0.55 18.55 15.41
C ALA A 125 -0.49 19.87 16.15
N LYS A 126 0.56 20.05 16.95
CA LYS A 126 0.71 21.25 17.76
C LYS A 126 1.66 22.25 17.13
N GLN A 127 1.52 22.45 15.82
CA GLN A 127 2.36 23.41 15.10
C GLN A 127 1.91 23.53 13.64
N THR A 128 2.43 24.54 12.93
CA THR A 128 2.03 24.76 11.54
C THR A 128 3.18 25.05 10.61
N GLU A 129 4.39 25.07 11.15
CA GLU A 129 5.55 25.42 10.35
C GLU A 129 5.90 24.31 9.40
N ILE A 130 5.69 23.08 9.85
CA ILE A 130 5.94 21.91 9.03
C ILE A 130 4.63 21.40 8.46
N ALA A 131 4.52 21.42 7.14
CA ALA A 131 3.35 20.86 6.48
C ALA A 131 3.44 19.33 6.53
N TYR A 132 2.29 18.67 6.34
CA TYR A 132 2.23 17.21 6.35
C TYR A 132 0.94 16.72 5.67
N GLY A 133 1.06 15.69 4.86
CA GLY A 133 -0.06 15.17 4.10
C GLY A 133 -0.04 13.66 3.97
N THR A 134 -0.98 13.11 3.20
CA THR A 134 -1.09 11.66 3.06
C THR A 134 -1.32 11.30 1.61
N LEU A 135 -1.12 10.04 1.25
CA LEU A 135 -1.49 9.59 -0.09
C LEU A 135 -2.95 9.93 -0.31
N ASP A 136 -3.33 10.15 -1.55
CA ASP A 136 -4.70 10.51 -1.84
C ASP A 136 -5.59 9.29 -2.06
N SER A 137 -6.86 9.45 -1.73
CA SER A 137 -7.88 8.45 -2.04
C SER A 137 -7.49 7.01 -1.66
N GLY A 138 -7.00 6.82 -0.43
CA GLY A 138 -6.63 5.49 0.06
C GLY A 138 -7.04 5.32 1.52
N SER A 139 -6.69 4.19 2.13
CA SER A 139 -7.12 3.92 3.48
C SER A 139 -6.43 4.78 4.52
N THR A 140 -5.27 5.34 4.18
CA THR A 140 -4.57 6.21 5.11
C THR A 140 -5.31 7.55 5.22
N LYS A 141 -5.64 8.11 4.06
CA LYS A 141 -6.41 9.35 4.01
C LYS A 141 -7.69 9.15 4.80
N GLU A 142 -8.31 8.00 4.59
CA GLU A 142 -9.60 7.70 5.17
C GLU A 142 -9.49 7.56 6.68
N PHE A 143 -8.42 6.94 7.14
CA PHE A 143 -8.17 6.83 8.58
C PHE A 143 -8.40 8.16 9.28
N PHE A 144 -7.91 9.24 8.68
CA PHE A 144 -8.03 10.56 9.28
C PHE A 144 -9.41 11.19 9.12
N ARG A 145 -9.99 11.03 7.93
CA ARG A 145 -11.34 11.51 7.65
C ARG A 145 -12.29 10.98 8.72
N ARG A 146 -12.06 9.74 9.13
CA ARG A 146 -12.97 9.04 10.04
C ARG A 146 -12.62 9.20 11.51
N SER A 147 -11.35 9.42 11.84
CA SER A 147 -10.94 9.35 13.25
C SER A 147 -11.79 10.19 14.20
N LYS A 148 -12.06 9.64 15.37
CA LYS A 148 -12.76 10.38 16.42
C LYS A 148 -11.80 10.73 17.54
N ILE A 149 -10.50 10.57 17.27
CA ILE A 149 -9.48 10.84 18.27
C ILE A 149 -8.97 12.27 18.14
N ALA A 150 -8.90 12.96 19.27
CA ALA A 150 -8.56 14.38 19.32
C ALA A 150 -7.44 14.80 18.37
N VAL A 151 -6.25 14.25 18.61
CA VAL A 151 -5.10 14.63 17.80
C VAL A 151 -5.29 14.33 16.31
N TYR A 152 -5.91 13.21 15.97
CA TYR A 152 -6.12 12.89 14.57
C TYR A 152 -7.23 13.77 14.03
N GLU A 153 -8.14 14.17 14.90
CA GLU A 153 -9.18 15.09 14.48
C GLU A 153 -8.54 16.43 14.15
N LYS A 154 -7.57 16.84 14.95
CA LYS A 154 -6.83 18.07 14.70
C LYS A 154 -6.11 17.99 13.36
N MET A 155 -5.40 16.90 13.17
CA MET A 155 -4.61 16.70 11.96
C MET A 155 -5.47 16.69 10.69
N TRP A 156 -6.57 15.96 10.72
CA TRP A 156 -7.40 15.90 9.54
C TRP A 156 -7.94 17.28 9.23
N SER A 157 -8.12 18.07 10.27
CA SER A 157 -8.68 19.39 10.12
C SER A 157 -7.69 20.26 9.36
N TYR A 158 -6.42 20.17 9.75
CA TYR A 158 -5.38 20.92 9.07
C TYR A 158 -5.24 20.50 7.63
N MET A 159 -5.10 19.21 7.40
CA MET A 159 -4.85 18.66 6.06
C MET A 159 -5.99 18.89 5.09
N LYS A 160 -7.20 18.64 5.57
CA LYS A 160 -8.41 18.75 4.77
C LYS A 160 -8.45 20.08 4.01
N SER A 161 -7.90 21.11 4.65
CA SER A 161 -7.89 22.47 4.10
C SER A 161 -6.48 23.09 4.18
N ALA A 162 -5.62 22.69 3.24
CA ALA A 162 -4.24 23.16 3.23
C ALA A 162 -3.84 23.52 1.81
N GLU A 163 -3.24 24.70 1.65
CA GLU A 163 -2.85 25.18 0.34
C GLU A 163 -1.33 25.33 0.23
N PRO A 164 -0.74 24.67 -0.78
CA PRO A 164 -1.45 23.82 -1.75
C PRO A 164 -1.93 22.50 -1.14
N SER A 165 -2.56 21.66 -1.96
CA SER A 165 -2.97 20.31 -1.56
C SER A 165 -1.80 19.53 -0.93
N VAL A 166 -2.03 18.98 0.26
CA VAL A 166 -0.99 18.22 0.94
C VAL A 166 -1.04 16.75 0.56
N PHE A 167 -2.15 16.33 -0.04
CA PHE A 167 -2.25 14.96 -0.51
C PHE A 167 -1.35 14.79 -1.75
N THR A 168 -1.25 13.57 -2.25
CA THR A 168 -0.31 13.27 -3.31
C THR A 168 -0.86 12.16 -4.20
N LYS A 169 -0.80 12.34 -5.52
CA LYS A 169 -1.28 11.28 -6.42
C LYS A 169 -0.58 9.97 -6.13
N THR A 170 0.62 10.06 -5.56
CA THR A 170 1.43 8.87 -5.38
C THR A 170 2.35 8.89 -4.16
N THR A 171 2.78 7.71 -3.73
CA THR A 171 3.77 7.56 -2.69
C THR A 171 5.03 8.38 -3.04
N ALA A 172 5.60 8.09 -4.20
CA ALA A 172 6.82 8.76 -4.64
C ALA A 172 6.70 10.27 -4.62
N ASP A 173 5.50 10.80 -4.88
CA ASP A 173 5.32 12.24 -4.89
C ASP A 173 5.45 12.81 -3.47
N GLY A 174 5.01 12.03 -2.50
CA GLY A 174 5.11 12.42 -1.10
C GLY A 174 6.56 12.34 -0.64
N VAL A 175 7.22 11.25 -1.03
CA VAL A 175 8.61 11.04 -0.70
C VAL A 175 9.45 12.14 -1.32
N ALA A 176 9.23 12.36 -2.60
CA ALA A 176 9.89 13.43 -3.34
C ALA A 176 9.67 14.78 -2.65
N ARG A 177 8.46 15.03 -2.18
CA ARG A 177 8.15 16.31 -1.56
C ARG A 177 8.75 16.41 -0.18
N VAL A 178 9.01 15.27 0.45
CA VAL A 178 9.71 15.27 1.71
C VAL A 178 11.19 15.57 1.47
N ARG A 179 11.76 14.94 0.45
CA ARG A 179 13.17 15.14 0.16
C ARG A 179 13.50 16.57 -0.31
N LYS A 180 12.57 17.19 -1.02
CA LYS A 180 12.83 18.51 -1.63
C LYS A 180 12.40 19.66 -0.74
N SER A 181 11.89 19.36 0.45
CA SER A 181 11.21 20.39 1.23
C SER A 181 12.03 20.90 2.41
N LYS A 182 13.29 20.49 2.45
CA LYS A 182 14.20 20.94 3.48
C LYS A 182 13.57 20.89 4.88
N GLY A 183 13.03 19.71 5.20
CA GLY A 183 12.43 19.48 6.51
C GLY A 183 11.19 20.29 6.84
N LYS A 184 10.45 20.70 5.81
CA LYS A 184 9.23 21.47 6.03
C LYS A 184 8.01 20.73 5.49
N PHE A 185 8.12 19.40 5.40
CA PHE A 185 7.00 18.56 5.00
C PHE A 185 7.16 17.12 5.51
N ALA A 186 6.29 16.70 6.42
CA ALA A 186 6.30 15.31 6.88
C ALA A 186 5.27 14.51 6.11
N PHE A 187 5.62 13.28 5.77
CA PHE A 187 4.69 12.45 5.02
C PHE A 187 4.09 11.39 5.92
N LEU A 188 2.78 11.30 5.94
CA LEU A 188 2.08 10.24 6.66
C LEU A 188 1.79 9.08 5.72
N LEU A 189 2.51 7.97 5.89
CA LEU A 189 2.34 6.81 5.02
C LEU A 189 2.51 5.49 5.77
N GLU A 190 2.05 4.40 5.16
CA GLU A 190 2.08 3.10 5.80
C GLU A 190 3.48 2.64 6.14
N SER A 191 3.62 2.06 7.33
CA SER A 191 4.92 1.78 7.90
C SER A 191 5.82 0.99 6.97
N THR A 192 5.20 0.15 6.14
CA THR A 192 5.95 -0.77 5.33
C THR A 192 6.71 -0.05 4.22
N MET A 193 6.03 0.87 3.54
CA MET A 193 6.65 1.70 2.52
C MET A 193 7.72 2.56 3.21
N ASN A 194 7.33 3.24 4.28
CA ASN A 194 8.25 4.03 5.09
C ASN A 194 9.54 3.26 5.39
N GLU A 195 9.39 2.01 5.80
CA GLU A 195 10.53 1.20 6.19
C GLU A 195 11.41 0.88 4.98
N TYR A 196 10.77 0.70 3.84
CA TYR A 196 11.47 0.39 2.58
C TYR A 196 12.35 1.57 2.15
N ILE A 197 11.73 2.75 2.00
CA ILE A 197 12.40 3.99 1.62
C ILE A 197 13.59 4.28 2.52
N GLU A 198 13.38 4.09 3.82
CA GLU A 198 14.39 4.37 4.84
C GLU A 198 15.71 3.68 4.52
N GLN A 199 15.65 2.59 3.74
CA GLN A 199 16.85 1.85 3.35
C GLN A 199 17.22 2.08 1.88
N ARG A 200 16.82 3.21 1.33
CA ARG A 200 17.14 3.54 -0.05
C ARG A 200 17.86 4.89 -0.14
N LYS A 201 18.75 5.03 -1.14
CA LYS A 201 19.49 6.27 -1.32
C LYS A 201 18.55 7.40 -1.72
N PRO A 202 18.82 8.64 -1.28
CA PRO A 202 20.05 9.09 -0.61
C PRO A 202 20.00 8.93 0.90
N CYS A 203 19.16 8.02 1.37
CA CYS A 203 19.04 7.75 2.80
C CYS A 203 18.91 9.03 3.60
N ASP A 204 18.02 9.92 3.16
CA ASP A 204 17.79 11.18 3.85
C ASP A 204 16.42 11.24 4.53
N THR A 205 15.73 10.11 4.57
CA THR A 205 14.47 10.07 5.31
C THR A 205 14.53 9.05 6.44
N MET A 206 13.53 9.09 7.32
CA MET A 206 13.48 8.18 8.44
C MET A 206 12.09 8.07 9.11
N LYS A 207 11.78 6.88 9.60
CA LYS A 207 10.54 6.65 10.34
C LYS A 207 10.70 7.22 11.74
N VAL A 208 9.79 8.10 12.14
CA VAL A 208 9.76 8.55 13.52
C VAL A 208 8.49 8.07 14.20
N GLY A 209 8.58 7.86 15.51
CA GLY A 209 7.44 7.45 16.31
C GLY A 209 7.07 5.99 16.19
N GLY A 210 6.02 5.61 16.90
CA GLY A 210 5.40 4.31 16.68
C GLY A 210 4.26 4.51 15.69
N ASN A 211 3.55 3.42 15.36
CA ASN A 211 2.48 3.52 14.38
C ASN A 211 1.22 4.10 14.98
N LEU A 212 0.43 4.78 14.16
CA LEU A 212 -0.83 5.36 14.61
C LEU A 212 -1.93 4.31 14.74
N ASP A 213 -1.82 3.22 13.99
CA ASP A 213 -2.76 2.12 14.13
C ASP A 213 -2.17 0.77 13.72
N SER A 214 -3.03 -0.24 13.66
CA SER A 214 -2.63 -1.58 13.21
C SER A 214 -3.57 -2.04 12.12
N LYS A 215 -3.06 -2.82 11.19
CA LYS A 215 -3.87 -3.38 10.12
C LYS A 215 -3.03 -4.28 9.24
N GLY A 216 -3.67 -4.90 8.27
CA GLY A 216 -2.99 -5.85 7.43
C GLY A 216 -3.36 -5.66 5.98
N TYR A 217 -2.51 -6.18 5.11
CA TYR A 217 -2.81 -6.32 3.70
C TYR A 217 -3.38 -7.72 3.50
N GLY A 218 -4.42 -7.84 2.69
CA GLY A 218 -4.93 -9.14 2.35
C GLY A 218 -4.86 -9.34 0.85
N VAL A 219 -4.78 -10.59 0.41
CA VAL A 219 -5.03 -10.91 -0.99
C VAL A 219 -6.53 -10.90 -1.16
N ALA A 220 -7.02 -10.20 -2.18
CA ALA A 220 -8.46 -10.00 -2.32
C ALA A 220 -9.04 -10.68 -3.55
N THR A 221 -10.24 -11.25 -3.39
CA THR A 221 -11.01 -11.85 -4.49
C THR A 221 -12.42 -11.29 -4.48
N PRO A 222 -13.17 -11.47 -5.58
CA PRO A 222 -14.56 -10.99 -5.62
C PRO A 222 -15.43 -11.76 -4.63
N LYS A 223 -16.47 -11.10 -4.12
CA LYS A 223 -17.28 -11.70 -3.06
C LYS A 223 -17.99 -12.98 -3.52
N GLY A 224 -17.64 -14.11 -2.93
CA GLY A 224 -18.20 -15.40 -3.31
C GLY A 224 -17.39 -16.22 -4.32
N SER A 225 -16.27 -15.67 -4.77
CA SER A 225 -15.41 -16.37 -5.71
C SER A 225 -15.01 -17.74 -5.16
N ALA A 226 -14.99 -18.73 -6.03
CA ALA A 226 -14.55 -20.06 -5.63
C ALA A 226 -13.08 -20.06 -5.23
N LEU A 227 -12.34 -19.05 -5.69
CA LEU A 227 -10.90 -18.95 -5.38
C LEU A 227 -10.60 -18.52 -3.93
N GLY A 228 -11.57 -17.84 -3.29
CA GLY A 228 -11.40 -17.30 -1.95
C GLY A 228 -10.76 -18.26 -0.95
N THR A 229 -11.30 -19.47 -0.89
CA THR A 229 -10.82 -20.45 0.09
C THR A 229 -9.41 -20.94 -0.19
N PRO A 230 -9.18 -21.51 -1.38
CA PRO A 230 -7.83 -22.00 -1.66
C PRO A 230 -6.83 -20.89 -1.37
N VAL A 231 -7.16 -19.67 -1.77
CA VAL A 231 -6.24 -18.55 -1.64
C VAL A 231 -5.89 -18.28 -0.18
N ASN A 232 -6.89 -18.35 0.69
CA ASN A 232 -6.65 -18.09 2.10
C ASN A 232 -5.76 -19.14 2.72
N LEU A 233 -6.04 -20.41 2.41
CA LEU A 233 -5.22 -21.49 2.95
C LEU A 233 -3.79 -21.35 2.44
N ALA A 234 -3.67 -20.97 1.17
CA ALA A 234 -2.37 -20.74 0.55
C ALA A 234 -1.55 -19.67 1.31
N VAL A 235 -2.16 -18.54 1.61
CA VAL A 235 -1.46 -17.47 2.32
C VAL A 235 -1.06 -17.92 3.72
N LEU A 236 -1.93 -18.65 4.37
CA LEU A 236 -1.64 -19.14 5.71
C LEU A 236 -0.47 -20.09 5.69
N LYS A 237 -0.46 -20.97 4.70
CA LYS A 237 0.62 -21.92 4.49
C LYS A 237 1.97 -21.22 4.27
N LEU A 238 2.01 -20.30 3.30
CA LEU A 238 3.20 -19.49 3.08
C LEU A 238 3.70 -18.84 4.38
N SER A 239 2.75 -18.40 5.20
CA SER A 239 3.10 -17.82 6.47
C SER A 239 3.78 -18.86 7.38
N GLU A 240 3.17 -20.03 7.48
CA GLU A 240 3.65 -21.05 8.40
C GLU A 240 5.04 -21.62 8.01
N GLN A 241 5.33 -21.65 6.71
CA GLN A 241 6.63 -22.11 6.21
C GLN A 241 7.66 -20.99 6.22
N GLY A 242 7.27 -19.81 6.69
CA GLY A 242 8.20 -18.72 6.81
C GLY A 242 8.41 -17.94 5.53
N ILE A 243 7.71 -18.32 4.46
CA ILE A 243 7.93 -17.68 3.17
C ILE A 243 7.74 -16.17 3.19
N LEU A 244 6.59 -15.70 3.67
CA LEU A 244 6.34 -14.26 3.69
C LEU A 244 7.49 -13.56 4.38
N ASP A 245 7.90 -14.15 5.49
CA ASP A 245 9.02 -13.74 6.27
C ASP A 245 10.26 -14.04 5.47
N LYS A 246 10.20 -14.86 4.41
CA LYS A 246 11.52 -14.88 3.77
C LYS A 246 11.61 -13.73 2.74
N LEU A 247 10.49 -13.51 2.05
CA LEU A 247 10.21 -12.49 1.04
C LEU A 247 10.27 -11.06 1.58
N LYS A 248 9.84 -10.84 2.81
CA LYS A 248 9.99 -9.50 3.38
C LYS A 248 11.47 -9.14 3.44
N ASN A 249 12.25 -9.99 4.10
CA ASN A 249 13.69 -9.80 4.20
C ASN A 249 14.32 -9.44 2.86
N LYS A 250 13.91 -10.16 1.83
CA LYS A 250 14.54 -10.05 0.53
C LYS A 250 14.32 -8.72 -0.15
N TRP A 251 13.12 -8.18 -0.08
CA TRP A 251 12.80 -6.97 -0.83
C TRP A 251 13.02 -5.69 -0.03
N TRP A 252 13.07 -5.85 1.30
CA TRP A 252 13.29 -4.71 2.18
C TRP A 252 14.74 -4.52 2.59
N TYR A 253 15.35 -5.58 3.12
CA TYR A 253 16.62 -5.46 3.83
C TYR A 253 17.85 -5.97 3.08
N ASP A 254 17.66 -6.86 2.11
CA ASP A 254 18.78 -7.29 1.28
C ASP A 254 19.00 -6.33 0.10
N LYS A 255 17.92 -5.67 -0.32
CA LYS A 255 18.00 -4.64 -1.35
C LYS A 255 18.51 -3.32 -0.75
N GLY A 256 18.71 -3.33 0.57
CA GLY A 256 19.06 -2.14 1.34
C GLY A 256 20.37 -1.54 0.90
N GLU A 257 20.34 -0.24 0.60
CA GLU A 257 21.51 0.51 0.10
C GLU A 257 22.13 1.40 1.17
N CYS A 258 21.73 1.20 2.43
CA CYS A 258 22.26 1.99 3.53
C CYS A 258 22.87 1.09 4.60
N1 FWD B . -2.03 3.24 0.71
C2 FWD B . -2.41 4.20 1.55
O2 FWD B . -3.55 4.44 1.71
N3 FWD B . -1.47 4.96 2.22
C4 FWD B . -0.14 4.70 2.01
O4 FWD B . 0.80 5.47 2.70
C5 FWD B . 0.27 3.71 1.14
F5 FWD B . 1.61 3.50 0.94
C6 FWD B . -0.65 2.97 0.49
C7 FWD B . -3.02 2.42 0.08
C8 FWD B . -3.49 1.33 1.01
N8 FWD B . -2.65 0.16 1.00
C9 FWD B . -4.97 1.05 1.02
O91 FWD B . -5.29 -0.23 0.55
O92 FWD B . -5.72 2.04 0.38
ZN ZN C . 11.02 2.02 -17.68
#